data_7NK0
#
_entry.id   7NK0
#
_cell.length_a   93.430
_cell.length_b   93.430
_cell.length_c   42.430
_cell.angle_alpha   90.000
_cell.angle_beta   90.000
_cell.angle_gamma   120.000
#
_symmetry.space_group_name_H-M   'P 64'
#
loop_
_entity.id
_entity.type
_entity.pdbx_description
1 polymer 'Baculoviral IAP repeat-containing protein 3'
2 non-polymer 'ZINC ION'
3 water water
#
_entity_poly.entity_id   1
_entity_poly.type   'polypeptide(L)'
_entity_poly.pdbx_seq_one_letter_code
;MGSSHHHHHHSSGLVPRGSHMLSCELYRMSTYSTFPAGVPVSERSLARAGFYYTGVNDKVKCFCCGLMLDNWKRGDSPTE
KHKKLYPSCRFVQSLNSV
;
_entity_poly.pdbx_strand_id   D,E
#
loop_
_chem_comp.id
_chem_comp.type
_chem_comp.name
_chem_comp.formula
ZN non-polymer 'ZINC ION' 'Zn 2'
#
# COMPACT_ATOMS: atom_id res chain seq x y z
N MET A 21 -2.84 6.55 -7.61
CA MET A 21 -3.56 5.31 -7.25
C MET A 21 -2.88 4.64 -6.05
N LEU A 22 -2.27 3.48 -6.27
CA LEU A 22 -1.57 2.73 -5.19
C LEU A 22 -0.45 3.62 -4.60
N SER A 23 -0.36 3.68 -3.27
CA SER A 23 0.67 4.51 -2.59
C SER A 23 1.05 3.87 -1.25
N CYS A 24 1.60 2.65 -1.29
CA CYS A 24 2.02 1.93 -0.07
C CYS A 24 3.55 1.90 0.02
N GLU A 25 4.10 1.11 0.95
CA GLU A 25 5.57 1.01 1.12
C GLU A 25 6.12 -0.03 0.14
N LEU A 26 5.23 -0.84 -0.46
CA LEU A 26 5.64 -1.88 -1.43
C LEU A 26 5.57 -1.32 -2.85
N TYR A 27 4.46 -0.65 -3.18
CA TYR A 27 4.27 -0.04 -4.53
C TYR A 27 5.30 1.07 -4.73
N ARG A 28 5.64 1.79 -3.65
CA ARG A 28 6.63 2.90 -3.72
C ARG A 28 8.04 2.31 -3.82
N MET A 29 8.21 1.07 -3.35
CA MET A 29 9.53 0.38 -3.39
C MET A 29 9.72 -0.26 -4.78
N SER A 30 8.64 -0.38 -5.54
CA SER A 30 8.69 -0.98 -6.90
C SER A 30 9.16 0.07 -7.91
N THR A 31 9.08 1.35 -7.52
CA THR A 31 9.50 2.47 -8.42
C THR A 31 10.99 2.75 -8.22
N TYR A 32 11.61 2.08 -7.23
CA TYR A 32 13.06 2.27 -6.93
C TYR A 32 13.86 1.10 -7.54
N SER A 33 13.37 0.56 -8.67
CA SER A 33 14.05 -0.56 -9.35
C SER A 33 15.13 -0.04 -10.29
N THR A 34 14.87 1.10 -10.95
CA THR A 34 15.85 1.72 -11.88
C THR A 34 16.54 2.90 -11.19
N PHE A 35 16.53 2.91 -9.86
CA PHE A 35 17.16 4.01 -9.08
C PHE A 35 18.69 3.85 -9.11
N PRO A 36 19.45 4.93 -9.37
CA PRO A 36 20.92 4.85 -9.42
C PRO A 36 21.52 4.39 -8.09
N ALA A 37 22.61 3.62 -8.15
CA ALA A 37 23.28 3.10 -6.94
C ALA A 37 24.26 4.17 -6.40
N GLY A 38 24.82 3.93 -5.22
CA GLY A 38 25.79 4.87 -4.60
C GLY A 38 25.10 5.96 -3.79
N VAL A 39 23.76 5.99 -3.82
CA VAL A 39 22.98 7.02 -3.06
C VAL A 39 23.26 6.83 -1.56
N PRO A 40 23.40 7.92 -0.77
CA PRO A 40 23.67 7.82 0.67
C PRO A 40 22.40 7.81 1.53
N VAL A 41 21.30 7.27 0.98
CA VAL A 41 20.00 7.18 1.72
C VAL A 41 19.30 5.88 1.33
N SER A 42 18.99 5.04 2.31
CA SER A 42 18.30 3.74 2.05
C SER A 42 16.99 3.97 1.30
N GLU A 43 16.72 3.14 0.28
CA GLU A 43 15.48 3.26 -0.53
C GLU A 43 14.27 3.06 0.39
N ARG A 44 14.34 2.08 1.29
CA ARG A 44 13.23 1.79 2.23
C ARG A 44 12.83 3.09 2.96
N SER A 45 13.79 3.76 3.57
CA SER A 45 13.53 5.04 4.31
C SER A 45 12.81 6.03 3.37
N LEU A 46 13.34 6.21 2.16
CA LEU A 46 12.73 7.13 1.17
C LEU A 46 11.26 6.77 0.96
N ALA A 47 10.98 5.48 0.74
CA ALA A 47 9.60 4.99 0.52
C ALA A 47 8.82 5.07 1.84
N ARG A 48 9.51 4.88 2.97
CA ARG A 48 8.86 4.94 4.30
C ARG A 48 8.36 6.36 4.57
N ALA A 49 9.12 7.36 4.13
CA ALA A 49 8.74 8.79 4.32
C ALA A 49 7.47 9.10 3.51
N GLY A 50 7.35 8.48 2.33
CA GLY A 50 6.18 8.69 1.46
C GLY A 50 6.59 9.19 0.09
N PHE A 51 7.82 8.87 -0.33
CA PHE A 51 8.34 9.29 -1.66
C PHE A 51 8.59 8.07 -2.54
N TYR A 52 8.68 8.27 -3.85
CA TYR A 52 8.93 7.17 -4.81
C TYR A 52 9.92 7.65 -5.88
N TYR A 53 10.09 6.87 -6.96
CA TYR A 53 11.02 7.22 -8.05
C TYR A 53 10.22 7.74 -9.26
N THR A 54 10.64 8.88 -9.82
CA THR A 54 9.96 9.48 -10.98
C THR A 54 10.71 9.12 -12.27
N GLY A 55 12.01 8.80 -12.15
CA GLY A 55 12.83 8.44 -13.31
C GLY A 55 14.11 9.26 -13.38
N VAL A 56 14.02 10.54 -13.03
CA VAL A 56 15.19 11.46 -13.06
C VAL A 56 16.23 10.96 -12.03
N ASN A 57 17.52 11.05 -12.38
CA ASN A 57 18.61 10.60 -11.47
C ASN A 57 18.43 11.26 -10.10
N ASP A 58 18.27 10.44 -9.05
CA ASP A 58 18.08 10.96 -7.66
C ASP A 58 16.93 11.97 -7.67
N LYS A 59 15.72 11.52 -8.04
CA LYS A 59 14.52 12.40 -8.09
C LYS A 59 13.32 11.66 -7.48
N VAL A 60 12.93 12.05 -6.25
CA VAL A 60 11.78 11.40 -5.56
C VAL A 60 10.61 12.40 -5.50
N LYS A 61 9.53 12.15 -5.05
CA LYS A 61 8.32 13.02 -4.97
C LYS A 61 7.32 12.39 -4.00
N CYS A 62 6.66 13.23 -3.18
CA CYS A 62 5.66 12.75 -2.19
C CYS A 62 4.41 12.21 -2.93
N PHE A 63 3.73 11.23 -2.35
CA PHE A 63 2.52 10.64 -2.96
C PHE A 63 1.27 11.40 -2.50
N CYS A 64 1.34 12.01 -1.30
CA CYS A 64 0.21 12.78 -0.75
C CYS A 64 0.37 14.26 -1.08
N CYS A 65 1.52 14.85 -0.72
CA CYS A 65 1.80 16.28 -1.00
C CYS A 65 2.46 16.41 -2.38
N GLY A 66 3.23 15.39 -2.79
CA GLY A 66 3.92 15.40 -4.09
C GLY A 66 5.09 16.37 -4.11
N LEU A 67 5.97 16.27 -3.11
CA LEU A 67 7.16 17.17 -3.01
C LEU A 67 8.36 16.47 -3.67
N MET A 68 9.09 17.19 -4.52
CA MET A 68 10.28 16.64 -5.22
C MET A 68 11.53 16.92 -4.38
N LEU A 69 12.38 15.89 -4.21
CA LEU A 69 13.63 16.03 -3.42
C LEU A 69 14.76 15.26 -4.11
N ASP A 70 15.96 15.84 -4.16
CA ASP A 70 17.12 15.18 -4.81
C ASP A 70 18.43 15.75 -4.21
N ASN A 71 19.56 15.18 -4.62
CA ASN A 71 20.89 15.63 -4.12
C ASN A 71 20.90 15.62 -2.59
N TRP A 72 20.73 14.44 -1.99
CA TRP A 72 20.71 14.31 -0.50
C TRP A 72 22.14 14.22 0.02
N LYS A 73 22.32 14.42 1.33
CA LYS A 73 23.68 14.36 1.96
C LYS A 73 23.70 13.00 2.67
N ARG A 74 24.50 12.88 3.73
CA ARG A 74 24.78 11.57 4.39
C ARG A 74 24.04 11.52 5.73
N GLY A 75 23.21 10.50 5.94
CA GLY A 75 22.44 10.35 7.19
C GLY A 75 21.32 11.36 7.28
N ASP A 76 20.74 11.75 6.14
CA ASP A 76 19.63 12.73 6.11
C ASP A 76 18.30 12.00 6.28
N SER A 77 17.53 12.34 7.32
CA SER A 77 16.22 11.69 7.58
C SER A 77 15.17 12.19 6.58
N PRO A 78 14.66 11.34 5.68
CA PRO A 78 13.65 11.75 4.70
C PRO A 78 12.39 12.30 5.38
N THR A 79 11.89 11.57 6.38
CA THR A 79 10.67 11.98 7.13
C THR A 79 10.88 13.38 7.73
N GLU A 80 11.96 13.56 8.50
CA GLU A 80 12.27 14.87 9.13
C GLU A 80 12.23 15.97 8.07
N LYS A 81 13.06 15.84 7.04
CA LYS A 81 13.13 16.85 5.94
C LYS A 81 11.73 17.07 5.36
N HIS A 82 11.02 15.97 5.05
CA HIS A 82 9.64 16.06 4.49
C HIS A 82 8.78 16.98 5.35
N LYS A 83 8.76 16.74 6.67
CA LYS A 83 7.94 17.56 7.61
C LYS A 83 8.59 18.94 7.77
N LYS A 84 9.91 19.02 7.61
CA LYS A 84 10.65 20.30 7.74
C LYS A 84 10.39 21.18 6.51
N LEU A 85 10.08 20.54 5.37
CA LEU A 85 9.81 21.28 4.11
C LEU A 85 8.29 21.47 3.95
N TYR A 86 7.55 20.37 3.80
CA TYR A 86 6.08 20.43 3.63
C TYR A 86 5.39 19.75 4.83
N PRO A 87 5.05 20.50 5.90
CA PRO A 87 4.38 19.91 7.07
C PRO A 87 2.86 19.87 6.92
N SER A 88 2.34 20.35 5.77
CA SER A 88 0.88 20.37 5.51
C SER A 88 0.45 19.05 4.86
N CYS A 89 1.42 18.18 4.54
CA CYS A 89 1.13 16.86 3.91
C CYS A 89 0.25 16.03 4.84
N ARG A 90 -0.73 15.31 4.27
CA ARG A 90 -1.66 14.46 5.07
C ARG A 90 -0.96 13.15 5.42
N PHE A 91 0.06 12.77 4.65
CA PHE A 91 0.82 11.52 4.89
C PHE A 91 2.07 11.83 5.72
N VAL A 92 2.22 13.09 6.14
CA VAL A 92 3.40 13.52 6.94
C VAL A 92 3.03 13.42 8.44
N GLN A 93 1.79 13.02 8.74
CA GLN A 93 1.33 12.90 10.14
C GLN A 93 2.00 11.67 10.79
N SER A 94 1.47 10.47 10.50
CA SER A 94 2.02 9.20 11.07
C SER A 94 2.18 9.34 12.59
N MET B 21 -0.37 -3.17 9.74
CA MET B 21 0.79 -2.58 9.04
C MET B 21 0.84 -3.11 7.60
N LEU B 22 1.34 -2.28 6.66
CA LEU B 22 1.44 -2.67 5.22
C LEU B 22 0.10 -3.25 4.75
N SER B 23 -0.97 -2.44 4.79
CA SER B 23 -2.31 -2.89 4.36
C SER B 23 -2.62 -2.35 2.97
N CYS B 24 -1.63 -2.35 2.07
CA CYS B 24 -1.81 -1.84 0.69
C CYS B 24 -2.36 -2.97 -0.20
N GLU B 25 -2.91 -2.61 -1.37
CA GLU B 25 -3.48 -3.62 -2.31
C GLU B 25 -2.38 -4.59 -2.73
N LEU B 26 -1.28 -4.08 -3.29
CA LEU B 26 -0.14 -4.93 -3.73
C LEU B 26 0.28 -5.84 -2.57
N TYR B 27 0.44 -5.26 -1.38
CA TYR B 27 0.84 -6.04 -0.16
C TYR B 27 -0.32 -6.94 0.25
N ARG B 28 -1.56 -6.52 -0.05
CA ARG B 28 -2.76 -7.32 0.29
C ARG B 28 -2.92 -8.45 -0.74
N MET B 29 -2.43 -8.22 -1.96
CA MET B 29 -2.52 -9.25 -3.04
C MET B 29 -1.30 -10.17 -2.97
N SER B 30 -0.32 -9.83 -2.12
CA SER B 30 0.90 -10.65 -1.96
C SER B 30 0.64 -11.78 -0.97
N THR B 31 -0.47 -11.70 -0.23
CA THR B 31 -0.84 -12.73 0.77
C THR B 31 -1.76 -13.78 0.11
N TYR B 32 -2.05 -13.59 -1.18
CA TYR B 32 -2.93 -14.52 -1.93
C TYR B 32 -2.05 -15.51 -2.73
N SER B 33 -0.74 -15.51 -2.45
CA SER B 33 0.20 -16.41 -3.15
C SER B 33 -0.14 -17.87 -2.85
N THR B 34 -0.55 -18.16 -1.61
CA THR B 34 -0.91 -19.53 -1.19
C THR B 34 -2.44 -19.65 -1.09
N PHE B 35 -3.16 -19.03 -2.04
CA PHE B 35 -4.64 -19.07 -2.04
C PHE B 35 -5.12 -20.15 -3.02
N PRO B 36 -6.00 -21.08 -2.60
CA PRO B 36 -6.50 -22.15 -3.48
C PRO B 36 -7.20 -21.57 -4.72
N ALA B 37 -7.01 -22.23 -5.88
CA ALA B 37 -7.63 -21.78 -7.14
C ALA B 37 -9.03 -22.38 -7.28
N GLY B 38 -9.77 -21.98 -8.31
CA GLY B 38 -11.14 -22.49 -8.54
C GLY B 38 -12.20 -21.61 -7.92
N VAL B 39 -11.79 -20.73 -6.98
CA VAL B 39 -12.73 -19.81 -6.30
C VAL B 39 -13.37 -18.88 -7.34
N PRO B 40 -14.70 -18.60 -7.25
CA PRO B 40 -15.37 -17.72 -8.21
C PRO B 40 -15.34 -16.25 -7.79
N VAL B 41 -14.15 -15.74 -7.47
CA VAL B 41 -13.97 -14.31 -7.04
C VAL B 41 -12.54 -13.88 -7.35
N SER B 42 -12.38 -12.95 -8.31
CA SER B 42 -11.04 -12.45 -8.70
C SER B 42 -10.26 -11.99 -7.46
N GLU B 43 -9.01 -12.43 -7.32
CA GLU B 43 -8.16 -12.06 -6.16
C GLU B 43 -8.06 -10.53 -6.07
N ARG B 44 -7.82 -9.86 -7.20
CA ARG B 44 -7.71 -8.37 -7.24
C ARG B 44 -8.94 -7.76 -6.55
N SER B 45 -10.14 -8.19 -6.95
CA SER B 45 -11.41 -7.67 -6.35
C SER B 45 -11.39 -7.89 -4.84
N LEU B 46 -10.98 -9.09 -4.40
CA LEU B 46 -10.93 -9.43 -2.95
C LEU B 46 -9.97 -8.46 -2.24
N ALA B 47 -8.82 -8.18 -2.87
CA ALA B 47 -7.81 -7.25 -2.29
C ALA B 47 -8.29 -5.81 -2.47
N ARG B 48 -9.14 -5.56 -3.47
CA ARG B 48 -9.66 -4.21 -3.75
C ARG B 48 -10.63 -3.80 -2.63
N ALA B 49 -11.29 -4.78 -2.01
CA ALA B 49 -12.25 -4.52 -0.91
C ALA B 49 -11.49 -4.27 0.39
N GLY B 50 -10.23 -4.74 0.45
CA GLY B 50 -9.39 -4.57 1.66
C GLY B 50 -9.21 -5.87 2.41
N PHE B 51 -9.41 -7.00 1.72
CA PHE B 51 -9.26 -8.34 2.35
C PHE B 51 -7.95 -8.99 1.88
N TYR B 52 -7.42 -9.92 2.66
CA TYR B 52 -6.15 -10.62 2.33
C TYR B 52 -6.26 -12.10 2.74
N TYR B 53 -5.27 -12.91 2.33
CA TYR B 53 -5.25 -14.36 2.66
C TYR B 53 -4.64 -14.57 4.04
N THR B 54 -5.34 -15.28 4.92
CA THR B 54 -4.86 -15.56 6.30
C THR B 54 -4.14 -16.91 6.32
N GLY B 55 -4.46 -17.79 5.36
CA GLY B 55 -3.84 -19.13 5.29
C GLY B 55 -4.89 -20.23 5.24
N VAL B 56 -6.00 -20.05 5.95
CA VAL B 56 -7.10 -21.05 5.98
C VAL B 56 -7.75 -21.12 4.60
N ASN B 57 -8.05 -22.24 4.10
CA ASN B 57 -8.69 -22.44 2.78
C ASN B 57 -9.90 -21.51 2.67
N ASP B 58 -9.92 -20.63 1.67
CA ASP B 58 -11.05 -19.67 1.45
C ASP B 58 -11.31 -18.92 2.76
N LYS B 59 -10.33 -18.15 3.23
CA LYS B 59 -10.46 -17.37 4.48
C LYS B 59 -9.80 -16.00 4.30
N VAL B 60 -10.62 -14.94 4.17
CA VAL B 60 -10.09 -13.56 3.99
C VAL B 60 -10.34 -12.76 5.28
N LYS B 61 -9.73 -11.57 5.39
CA LYS B 61 -9.89 -10.71 6.59
C LYS B 61 -9.54 -9.26 6.22
N CYS B 62 -10.41 -8.33 6.63
CA CYS B 62 -10.26 -6.88 6.33
C CYS B 62 -8.94 -6.38 6.92
N PHE B 63 -8.43 -5.26 6.39
CA PHE B 63 -7.15 -4.72 6.92
C PHE B 63 -7.45 -3.50 7.79
N CYS B 64 -8.73 -3.25 8.05
CA CYS B 64 -9.16 -2.10 8.88
C CYS B 64 -10.49 -2.42 9.56
N CYS B 65 -11.00 -3.64 9.37
CA CYS B 65 -12.29 -4.06 9.98
C CYS B 65 -12.12 -5.44 10.62
N GLY B 66 -11.05 -6.16 10.26
CA GLY B 66 -10.77 -7.51 10.80
C GLY B 66 -11.96 -8.43 10.61
N LEU B 67 -12.71 -8.26 9.52
CA LEU B 67 -13.86 -9.09 9.23
C LEU B 67 -13.43 -10.31 8.42
N MET B 68 -13.83 -11.50 8.86
CA MET B 68 -13.49 -12.75 8.18
C MET B 68 -14.61 -13.19 7.26
N LEU B 69 -14.25 -13.58 6.04
CA LEU B 69 -15.24 -14.03 5.02
C LEU B 69 -14.70 -15.27 4.30
N ASP B 70 -15.58 -16.23 4.02
CA ASP B 70 -15.18 -17.48 3.30
C ASP B 70 -16.42 -18.14 2.70
N ASN B 71 -16.23 -19.07 1.77
CA ASN B 71 -17.36 -19.77 1.11
C ASN B 71 -18.19 -18.76 0.31
N TRP B 72 -17.60 -18.17 -0.72
CA TRP B 72 -18.34 -17.19 -1.57
C TRP B 72 -19.09 -17.92 -2.68
N LYS B 73 -19.82 -17.18 -3.51
CA LYS B 73 -20.60 -17.78 -4.64
C LYS B 73 -19.93 -17.40 -5.97
N ARG B 74 -20.74 -17.20 -7.01
CA ARG B 74 -20.22 -16.83 -8.36
C ARG B 74 -20.57 -15.37 -8.65
N GLY B 75 -19.59 -14.59 -9.14
CA GLY B 75 -19.81 -13.17 -9.46
C GLY B 75 -20.48 -12.43 -8.32
N ASP B 76 -19.80 -12.35 -7.16
CA ASP B 76 -20.35 -11.66 -5.97
C ASP B 76 -19.39 -10.54 -5.55
N SER B 77 -19.75 -9.28 -5.82
CA SER B 77 -18.91 -8.12 -5.45
C SER B 77 -18.52 -8.21 -3.97
N PRO B 78 -17.22 -8.36 -3.63
CA PRO B 78 -16.79 -8.45 -2.23
C PRO B 78 -16.78 -7.08 -1.55
N THR B 79 -17.01 -6.02 -2.31
CA THR B 79 -17.02 -4.63 -1.77
C THR B 79 -18.39 -4.35 -1.12
N GLU B 80 -19.47 -4.64 -1.85
CA GLU B 80 -20.85 -4.42 -1.33
C GLU B 80 -21.09 -5.31 -0.11
N LYS B 81 -20.70 -6.59 -0.21
CA LYS B 81 -20.90 -7.56 0.91
C LYS B 81 -20.20 -7.03 2.17
N HIS B 82 -18.96 -6.52 2.02
CA HIS B 82 -18.18 -5.99 3.16
C HIS B 82 -18.95 -4.83 3.83
N LYS B 83 -19.55 -3.95 3.02
CA LYS B 83 -20.32 -2.80 3.54
C LYS B 83 -21.71 -3.27 3.99
N LYS B 84 -22.16 -4.42 3.50
CA LYS B 84 -23.49 -4.98 3.87
C LYS B 84 -23.38 -5.73 5.20
N LEU B 85 -22.15 -6.05 5.62
CA LEU B 85 -21.92 -6.77 6.90
C LEU B 85 -21.29 -5.81 7.92
N TYR B 86 -20.21 -5.13 7.52
CA TYR B 86 -19.51 -4.18 8.43
C TYR B 86 -19.36 -2.83 7.72
N PRO B 87 -20.35 -1.92 7.82
CA PRO B 87 -20.28 -0.60 7.18
C PRO B 87 -19.60 0.45 8.07
N SER B 88 -19.12 0.03 9.24
CA SER B 88 -18.44 0.97 10.19
C SER B 88 -16.93 0.98 9.92
N CYS B 89 -16.48 0.21 8.93
CA CYS B 89 -15.03 0.14 8.58
C CYS B 89 -14.60 1.47 7.95
N ARG B 90 -13.38 1.92 8.26
CA ARG B 90 -12.85 3.20 7.72
C ARG B 90 -12.34 2.97 6.29
N PHE B 91 -12.06 1.71 5.94
CA PHE B 91 -11.55 1.37 4.58
C PHE B 91 -12.73 0.97 3.68
N VAL B 92 -13.95 1.04 4.23
CA VAL B 92 -15.19 0.69 3.46
C VAL B 92 -15.78 1.96 2.85
N GLN B 93 -15.13 3.11 3.08
CA GLN B 93 -15.60 4.41 2.54
C GLN B 93 -15.39 4.43 1.03
N SER B 94 -14.13 4.59 0.60
CA SER B 94 -13.79 4.62 -0.85
C SER B 94 -14.68 5.65 -1.57
ZN ZN C . 4.20 14.60 1.35
ZN ZN D . -13.41 -3.49 6.96
#